data_7WXG
#
_entry.id   7WXG
#
_cell.length_a   1.00
_cell.length_b   1.00
_cell.length_c   1.00
_cell.angle_alpha   90.00
_cell.angle_beta   90.00
_cell.angle_gamma   90.00
#
_symmetry.space_group_name_H-M   'P 1'
#
loop_
_entity.id
_entity.type
_entity.pdbx_description
1 polymer 'Delta-1-pyrroline-5-carboxylate synthase'
2 non-polymer 'NADP NICOTINAMIDE-ADENINE-DINUCLEOTIDE PHOSPHATE'
#
_entity_poly.entity_id   1
_entity_poly.type   'polypeptide(L)'
_entity_poly.pdbx_seq_one_letter_code
;MLQNSFKLAQSLRNGFYRNAWRAFSSHGPRQPLVSPERRLEKAHPTFTERSQLKYARRLVVKLGSAVITREDNHGLALGR
LASIVEQVAECHLEGREVMMVTSGAVAFGKQKLAQELLMSLSMRETLNPKDSKEFDGATLEPRAAAAVGQSGLMSLYDAM
FAQYGVKIAQVLVTKPDFYNEETRNNLFCTLSELISLNIVPIINTNDAVSPPMFIRDDEPAGGARRGIPIKDNDSLSAML
AAEVQADLLILMSDVDGIYNKPPWEDGAKLMHTYTSDDSNSIEFGKKSKVGTGGMDSKVKAATWALDRGVSVVICNGMQE
KAIKTIIGGRKVGTFFTEATESANAVPVEVMAENARTGSRQMQALTPAQRASAVNTLADLLVSREKFILDANAKDLAEAQ
KSGLAKPLLSRLSLNPAKLKNLSVGLKQIAEDSHKNVGRVLRRTRLADQLELKQVTVPIGVLLVIFESRPDSLPQVAALA
MASANGLLLKGGKEAAHSNKALMELVKEALATVGAEHAVSLVSTREEISDLLSMENHIDLIIPRGSSDLVRSIQQQSLHI
PVLGHAEGVCHVYIDRDADLEKALRIARDAKCDYPAACNAMETLLIHEDLMSGAIFGDVCNMLKREGVKIYAGPRLNQQL
TFGPPAAKSLKHEYGALECCIEVVPSLDEAINHIHTYGSSHTDVIVTENDAAARQFLGSVDSACVFHNASSRFADGFRFG
LGAEVGISTARIHARGPVGVEGLLTTKWILEGQDHAAADFAEGGGRTWLHETLPLD
;
_entity_poly.pdbx_strand_id   A
#
loop_
_chem_comp.id
_chem_comp.type
_chem_comp.name
_chem_comp.formula
NAP non-polymer 'NADP NICOTINAMIDE-ADENINE-DINUCLEOTIDE PHOSPHATE' 'C21 H28 N7 O17 P3'
#
# COMPACT_ATOMS: atom_id res chain seq x y z
N PRO A 347 -19.69 -21.36 4.93
CA PRO A 347 -20.65 -20.53 5.66
C PRO A 347 -20.01 -19.26 6.23
N VAL A 348 -20.36 -18.90 7.47
CA VAL A 348 -19.95 -17.61 8.01
C VAL A 348 -19.06 -17.78 9.24
N GLU A 349 -19.57 -18.44 10.28
CA GLU A 349 -18.79 -18.56 11.51
C GLU A 349 -17.78 -19.69 11.43
N VAL A 350 -17.93 -20.63 10.49
CA VAL A 350 -16.90 -21.63 10.30
C VAL A 350 -15.61 -20.96 9.86
N MET A 351 -15.71 -19.94 9.00
CA MET A 351 -14.53 -19.19 8.61
C MET A 351 -13.95 -18.44 9.80
N ALA A 352 -14.81 -17.84 10.62
CA ALA A 352 -14.33 -17.10 11.79
C ALA A 352 -13.58 -18.02 12.74
N GLU A 353 -14.12 -19.22 12.98
CA GLU A 353 -13.46 -20.15 13.90
C GLU A 353 -12.19 -20.69 13.29
N ASN A 354 -12.17 -20.94 11.98
CA ASN A 354 -10.93 -21.35 11.35
C ASN A 354 -9.88 -20.27 11.49
N ALA A 355 -10.29 -19.00 11.40
CA ALA A 355 -9.35 -17.90 11.55
C ALA A 355 -8.83 -17.84 12.98
N ARG A 356 -9.71 -18.03 13.96
CA ARG A 356 -9.25 -18.06 15.35
C ARG A 356 -8.29 -19.22 15.58
N THR A 357 -8.56 -20.37 14.97
CA THR A 357 -7.66 -21.52 15.11
C THR A 357 -6.30 -21.22 14.50
N GLY A 358 -6.29 -20.60 13.32
CA GLY A 358 -5.04 -20.18 12.72
C GLY A 358 -4.31 -19.18 13.58
N SER A 359 -5.05 -18.25 14.20
CA SER A 359 -4.43 -17.28 15.11
C SER A 359 -3.76 -18.00 16.27
N ARG A 360 -4.44 -19.00 16.84
CA ARG A 360 -3.88 -19.72 17.98
C ARG A 360 -2.66 -20.53 17.55
N GLN A 361 -2.74 -21.18 16.39
CA GLN A 361 -1.60 -21.95 15.90
C GLN A 361 -0.40 -21.06 15.64
N MET A 362 -0.55 -20.13 14.70
CA MET A 362 0.57 -19.25 14.34
C MET A 362 1.03 -18.39 15.51
N GLN A 363 0.18 -18.22 16.53
CA GLN A 363 0.63 -17.55 17.74
C GLN A 363 1.64 -18.38 18.51
N ALA A 364 1.57 -19.71 18.40
CA ALA A 364 2.51 -20.60 19.05
C ALA A 364 3.38 -21.33 18.04
N LEU A 365 3.70 -20.68 16.92
CA LEU A 365 4.58 -21.24 15.91
C LEU A 365 5.85 -20.40 15.86
N THR A 366 6.95 -20.97 16.32
CA THR A 366 8.21 -20.24 16.35
C THR A 366 8.61 -19.86 14.92
N PRO A 367 9.38 -18.78 14.76
CA PRO A 367 9.78 -18.34 13.41
C PRO A 367 10.38 -19.43 12.54
N ALA A 368 10.92 -20.48 13.15
CA ALA A 368 11.46 -21.59 12.38
C ALA A 368 10.42 -22.14 11.41
N GLN A 369 9.16 -22.15 11.82
CA GLN A 369 8.11 -22.69 10.96
C GLN A 369 7.77 -21.72 9.83
N ARG A 370 7.32 -20.51 10.17
CA ARG A 370 6.77 -19.61 9.15
C ARG A 370 7.84 -19.19 8.14
N ALA A 371 9.09 -19.09 8.57
CA ALA A 371 10.17 -18.78 7.62
C ALA A 371 10.26 -19.84 6.53
N SER A 372 10.43 -21.10 6.93
CA SER A 372 10.42 -22.18 5.95
C SER A 372 9.12 -22.23 5.18
N ALA A 373 8.02 -21.81 5.80
CA ALA A 373 6.72 -21.82 5.13
C ALA A 373 6.72 -20.89 3.93
N VAL A 374 7.11 -19.63 4.13
CA VAL A 374 7.16 -18.71 3.00
C VAL A 374 8.29 -19.08 2.04
N ASN A 375 9.36 -19.70 2.55
CA ASN A 375 10.40 -20.21 1.65
C ASN A 375 9.81 -21.19 0.64
N THR A 376 9.11 -22.20 1.14
CA THR A 376 8.46 -23.16 0.25
C THR A 376 7.39 -22.49 -0.60
N LEU A 377 6.68 -21.50 -0.06
CA LEU A 377 5.72 -20.77 -0.89
C LEU A 377 6.40 -20.19 -2.12
N ALA A 378 7.52 -19.49 -1.92
CA ALA A 378 8.26 -18.95 -3.05
C ALA A 378 8.72 -20.05 -3.99
N ASP A 379 9.47 -21.02 -3.47
CA ASP A 379 10.04 -22.07 -4.32
C ASP A 379 8.96 -22.79 -5.12
N LEU A 380 7.78 -22.97 -4.52
CA LEU A 380 6.68 -23.64 -5.21
C LEU A 380 6.02 -22.70 -6.21
N LEU A 381 6.07 -21.39 -5.94
CA LEU A 381 5.64 -20.42 -6.94
C LEU A 381 6.57 -20.40 -8.14
N VAL A 382 7.83 -20.80 -7.96
CA VAL A 382 8.76 -20.84 -9.08
C VAL A 382 8.50 -22.07 -9.95
N SER A 383 8.39 -23.25 -9.33
CA SER A 383 8.29 -24.48 -10.09
C SER A 383 6.94 -24.57 -10.82
N ARG A 384 5.86 -24.59 -10.06
CA ARG A 384 4.53 -24.81 -10.62
C ARG A 384 3.92 -23.57 -11.23
N GLU A 385 4.73 -22.56 -11.55
CA GLU A 385 4.19 -21.31 -12.09
C GLU A 385 3.44 -21.54 -13.40
N LYS A 386 3.84 -22.53 -14.19
CA LYS A 386 3.13 -22.81 -15.43
C LYS A 386 1.64 -22.98 -15.18
N PHE A 387 1.29 -23.62 -14.07
CA PHE A 387 -0.11 -23.80 -13.69
C PHE A 387 -0.81 -22.45 -13.58
N ILE A 388 -0.32 -21.57 -12.71
CA ILE A 388 -0.96 -20.28 -12.53
C ILE A 388 -0.84 -19.44 -13.80
N LEU A 389 0.21 -19.65 -14.58
CA LEU A 389 0.32 -18.97 -15.87
C LEU A 389 -0.86 -19.31 -16.76
N ASP A 390 -1.12 -20.59 -17.00
CA ASP A 390 -2.24 -20.95 -17.86
C ASP A 390 -3.56 -20.57 -17.22
N ALA A 391 -3.65 -20.60 -15.89
CA ALA A 391 -4.88 -20.18 -15.23
C ALA A 391 -5.19 -18.72 -15.53
N ASN A 392 -4.22 -17.84 -15.28
CA ASN A 392 -4.43 -16.42 -15.56
C ASN A 392 -4.59 -16.20 -17.05
N ALA A 393 -4.02 -17.07 -17.88
CA ALA A 393 -4.25 -16.98 -19.32
C ALA A 393 -5.73 -17.16 -19.63
N LYS A 394 -6.33 -18.23 -19.11
CA LYS A 394 -7.76 -18.43 -19.28
C LYS A 394 -8.55 -17.26 -18.70
N ASP A 395 -8.09 -16.73 -17.56
CA ASP A 395 -8.81 -15.63 -16.92
C ASP A 395 -8.84 -14.39 -17.80
N LEU A 396 -7.67 -13.98 -18.30
CA LEU A 396 -7.62 -12.81 -19.16
C LEU A 396 -8.32 -13.08 -20.48
N ALA A 397 -8.33 -14.34 -20.94
CA ALA A 397 -9.06 -14.67 -22.15
C ALA A 397 -10.56 -14.42 -21.97
N GLU A 398 -11.13 -14.98 -20.90
CA GLU A 398 -12.55 -14.77 -20.65
C GLU A 398 -12.84 -13.31 -20.31
N ALA A 399 -11.87 -12.60 -19.75
CA ALA A 399 -12.03 -11.18 -19.47
C ALA A 399 -12.16 -10.39 -20.77
N GLN A 400 -11.21 -10.59 -21.68
CA GLN A 400 -11.29 -9.95 -22.99
C GLN A 400 -12.59 -10.31 -23.69
N LYS A 401 -12.99 -11.58 -23.62
CA LYS A 401 -14.29 -11.99 -24.13
C LYS A 401 -15.40 -11.11 -23.54
N SER A 402 -15.30 -10.81 -22.24
CA SER A 402 -16.23 -9.87 -21.64
C SER A 402 -15.92 -8.44 -22.07
N GLY A 403 -14.63 -8.11 -22.19
CA GLY A 403 -14.22 -6.81 -22.70
C GLY A 403 -14.64 -5.62 -21.86
N LEU A 404 -14.02 -5.45 -20.69
CA LEU A 404 -14.36 -4.32 -19.84
C LEU A 404 -13.62 -3.05 -20.28
N ALA A 405 -12.29 -3.05 -20.17
CA ALA A 405 -11.50 -1.88 -20.53
C ALA A 405 -10.02 -2.21 -20.64
N LYS A 406 -9.39 -1.82 -21.75
CA LYS A 406 -8.02 -2.22 -22.10
C LYS A 406 -7.00 -2.00 -20.98
N PRO A 407 -6.94 -0.84 -20.33
CA PRO A 407 -5.99 -0.71 -19.22
C PRO A 407 -6.30 -1.65 -18.06
N LEU A 408 -7.58 -1.88 -17.77
CA LEU A 408 -7.93 -2.87 -16.77
C LEU A 408 -7.49 -4.26 -17.19
N LEU A 409 -7.60 -4.57 -18.48
CA LEU A 409 -7.09 -5.84 -18.97
C LEU A 409 -5.59 -5.94 -18.77
N SER A 410 -4.87 -4.83 -18.96
CA SER A 410 -3.43 -4.85 -18.73
C SER A 410 -3.12 -5.08 -17.26
N ARG A 411 -3.88 -4.45 -16.36
CA ARG A 411 -3.56 -4.56 -14.94
C ARG A 411 -3.92 -5.94 -14.40
N LEU A 412 -5.00 -6.55 -14.91
CA LEU A 412 -5.33 -7.89 -14.47
C LEU A 412 -4.48 -8.95 -15.16
N SER A 413 -3.67 -8.54 -16.12
CA SER A 413 -2.80 -9.49 -16.81
C SER A 413 -1.67 -9.92 -15.88
N LEU A 414 -0.79 -10.78 -16.40
CA LEU A 414 0.31 -11.30 -15.60
C LEU A 414 1.37 -11.85 -16.53
N ASN A 415 2.62 -11.73 -16.13
CA ASN A 415 3.76 -12.14 -16.95
C ASN A 415 4.85 -12.66 -16.04
N PRO A 416 5.75 -13.50 -16.56
CA PRO A 416 6.79 -14.09 -15.69
C PRO A 416 7.68 -13.07 -15.00
N ALA A 417 7.79 -11.85 -15.53
CA ALA A 417 8.64 -10.84 -14.90
C ALA A 417 8.18 -10.55 -13.49
N LYS A 418 6.92 -10.12 -13.34
CA LYS A 418 6.37 -9.90 -12.01
C LYS A 418 6.45 -11.16 -11.16
N LEU A 419 6.42 -12.33 -11.79
CA LEU A 419 6.50 -13.57 -11.02
C LEU A 419 7.86 -13.71 -10.36
N LYS A 420 8.94 -13.53 -11.13
CA LYS A 420 10.27 -13.59 -10.55
C LYS A 420 10.47 -12.48 -9.53
N ASN A 421 9.87 -11.32 -9.77
CA ASN A 421 10.00 -10.22 -8.83
C ASN A 421 9.32 -10.56 -7.50
N LEU A 422 8.12 -11.12 -7.56
CA LEU A 422 7.44 -11.54 -6.34
C LEU A 422 8.23 -12.63 -5.63
N SER A 423 8.84 -13.53 -6.40
CA SER A 423 9.65 -14.58 -5.80
C SER A 423 10.80 -13.99 -5.00
N VAL A 424 11.57 -13.09 -5.61
CA VAL A 424 12.72 -12.54 -4.90
C VAL A 424 12.26 -11.63 -3.76
N GLY A 425 11.10 -10.99 -3.89
CA GLY A 425 10.60 -10.17 -2.80
C GLY A 425 10.21 -10.99 -1.60
N LEU A 426 9.47 -12.07 -1.82
CA LEU A 426 9.13 -12.97 -0.73
C LEU A 426 10.38 -13.59 -0.13
N LYS A 427 11.40 -13.83 -0.96
CA LYS A 427 12.68 -14.30 -0.42
C LYS A 427 13.27 -13.26 0.53
N GLN A 428 13.24 -11.99 0.13
CA GLN A 428 13.72 -10.92 1.01
C GLN A 428 12.96 -10.91 2.33
N ILE A 429 11.63 -11.02 2.25
CA ILE A 429 10.81 -11.03 3.46
C ILE A 429 11.23 -12.18 4.37
N ALA A 430 11.22 -13.40 3.83
CA ALA A 430 11.61 -14.57 4.61
C ALA A 430 12.99 -14.38 5.24
N GLU A 431 13.90 -13.75 4.50
CA GLU A 431 15.24 -13.50 5.03
C GLU A 431 15.18 -12.57 6.23
N ASP A 432 14.40 -11.49 6.13
CA ASP A 432 14.39 -10.46 7.16
C ASP A 432 13.11 -10.49 8.00
N SER A 433 12.46 -11.64 8.14
CA SER A 433 11.25 -11.75 8.94
C SER A 433 11.44 -12.53 10.23
N HIS A 434 12.67 -12.87 10.57
CA HIS A 434 12.90 -13.69 11.76
C HIS A 434 12.64 -12.93 13.05
N LYS A 435 12.46 -11.61 13.00
CA LYS A 435 12.29 -10.79 14.20
C LYS A 435 11.04 -9.91 14.09
N ASN A 436 9.95 -10.48 13.57
CA ASN A 436 8.74 -9.68 13.46
C ASN A 436 7.97 -9.65 14.77
N VAL A 437 7.51 -10.80 15.23
CA VAL A 437 6.70 -10.90 16.43
C VAL A 437 7.59 -11.33 17.58
N GLY A 438 7.65 -10.50 18.61
CA GLY A 438 8.44 -10.77 19.80
C GLY A 438 9.60 -9.82 20.02
N ARG A 439 9.98 -9.03 19.02
CA ARG A 439 11.05 -8.07 19.20
C ARG A 439 10.59 -6.92 20.08
N VAL A 440 11.42 -6.58 21.05
CA VAL A 440 11.11 -5.51 21.97
C VAL A 440 11.33 -4.18 21.26
N LEU A 441 10.52 -3.18 21.61
CA LEU A 441 10.68 -1.83 21.10
C LEU A 441 11.24 -0.89 22.15
N ARG A 442 10.58 -0.79 23.30
CA ARG A 442 11.07 -0.04 24.44
C ARG A 442 11.34 -1.00 25.58
N ARG A 443 12.22 -0.59 26.49
CA ARG A 443 12.53 -1.42 27.64
C ARG A 443 13.21 -0.56 28.68
N THR A 444 12.61 -0.47 29.87
CA THR A 444 13.13 0.39 30.92
C THR A 444 13.20 -0.40 32.21
N ARG A 445 13.45 0.31 33.32
CA ARG A 445 13.41 -0.26 34.65
C ARG A 445 13.00 0.85 35.61
N LEU A 446 11.74 0.82 36.05
CA LEU A 446 11.20 1.91 36.84
C LEU A 446 11.82 1.97 38.23
N ALA A 447 11.76 0.87 38.97
CA ALA A 447 12.29 0.85 40.33
C ALA A 447 13.29 -0.26 40.51
N ASP A 448 13.71 -0.51 41.75
CA ASP A 448 14.61 -1.61 42.02
C ASP A 448 13.87 -2.93 41.90
N GLN A 449 14.38 -3.83 41.06
CA GLN A 449 13.77 -5.13 40.79
C GLN A 449 12.36 -4.97 40.24
N LEU A 450 12.27 -4.27 39.11
CA LEU A 450 11.01 -4.05 38.42
C LEU A 450 11.32 -3.63 37.00
N GLU A 451 10.86 -4.41 36.03
CA GLU A 451 11.15 -4.14 34.62
C GLU A 451 9.88 -3.81 33.87
N LEU A 452 10.04 -3.16 32.74
CA LEU A 452 8.94 -2.84 31.84
C LEU A 452 9.45 -2.86 30.42
N LYS A 453 8.69 -3.48 29.52
CA LYS A 453 9.09 -3.55 28.13
C LYS A 453 7.85 -3.38 27.26
N GLN A 454 8.08 -3.32 25.96
CA GLN A 454 7.02 -3.15 24.97
C GLN A 454 7.29 -4.09 23.81
N VAL A 455 6.68 -5.26 23.83
CA VAL A 455 6.89 -6.27 22.81
C VAL A 455 5.87 -6.06 21.71
N THR A 456 6.23 -6.49 20.50
CA THR A 456 5.28 -6.47 19.39
C THR A 456 4.29 -7.60 19.54
N VAL A 457 3.17 -7.49 18.84
CA VAL A 457 2.12 -8.50 19.01
C VAL A 457 1.26 -8.61 17.75
N PRO A 458 0.90 -9.82 17.33
CA PRO A 458 -0.03 -9.96 16.21
C PRO A 458 -1.33 -9.22 16.45
N ILE A 459 -1.92 -8.78 15.35
CA ILE A 459 -3.19 -8.07 15.39
C ILE A 459 -4.37 -9.02 15.49
N GLY A 460 -4.29 -10.16 14.81
CA GLY A 460 -5.37 -11.14 14.87
C GLY A 460 -5.95 -11.49 13.52
N VAL A 461 -7.20 -11.08 13.28
CA VAL A 461 -7.92 -11.45 12.07
C VAL A 461 -8.15 -10.21 11.23
N LEU A 462 -7.63 -10.21 10.01
CA LEU A 462 -7.80 -9.13 9.07
C LEU A 462 -8.68 -9.57 7.92
N LEU A 463 -9.52 -8.67 7.44
CA LEU A 463 -10.37 -8.91 6.29
C LEU A 463 -9.94 -7.96 5.19
N VAL A 464 -9.09 -8.43 4.29
CA VAL A 464 -8.57 -7.58 3.23
C VAL A 464 -9.48 -7.70 2.01
N ILE A 465 -9.78 -6.56 1.41
CA ILE A 465 -10.55 -6.48 0.18
C ILE A 465 -9.69 -5.77 -0.84
N PHE A 466 -9.78 -6.19 -2.09
CA PHE A 466 -8.87 -5.61 -3.09
C PHE A 466 -9.42 -5.87 -4.47
N GLU A 467 -9.14 -4.94 -5.39
CA GLU A 467 -9.48 -5.08 -6.80
C GLU A 467 -8.74 -6.28 -7.39
N SER A 468 -9.08 -6.65 -8.62
CA SER A 468 -8.66 -7.94 -9.20
C SER A 468 -7.19 -8.27 -8.92
N ARG A 469 -6.27 -7.46 -9.48
CA ARG A 469 -4.86 -7.40 -9.13
C ARG A 469 -4.29 -8.74 -8.68
N PRO A 470 -4.34 -9.78 -9.52
CA PRO A 470 -4.02 -11.12 -9.03
C PRO A 470 -2.60 -11.26 -8.51
N ASP A 471 -1.72 -10.33 -8.85
CA ASP A 471 -0.36 -10.39 -8.35
C ASP A 471 -0.26 -10.06 -6.87
N SER A 472 -1.31 -9.54 -6.26
CA SER A 472 -1.23 -9.13 -4.86
C SER A 472 -1.43 -10.29 -3.89
N LEU A 473 -2.29 -11.25 -4.23
CA LEU A 473 -2.61 -12.39 -3.37
C LEU A 473 -1.38 -13.05 -2.76
N PRO A 474 -0.34 -13.37 -3.55
CA PRO A 474 0.86 -13.96 -2.92
C PRO A 474 1.51 -13.01 -1.93
N GLN A 475 1.56 -11.71 -2.25
CA GLN A 475 2.15 -10.74 -1.35
C GLN A 475 1.39 -10.70 -0.02
N VAL A 476 0.07 -10.53 -0.09
CA VAL A 476 -0.72 -10.38 1.13
C VAL A 476 -0.69 -11.66 1.96
N ALA A 477 -0.74 -12.82 1.29
CA ALA A 477 -0.67 -14.08 2.03
C ALA A 477 0.69 -14.26 2.70
N ALA A 478 1.76 -13.86 2.01
CA ALA A 478 3.07 -13.91 2.63
C ALA A 478 3.14 -12.97 3.83
N LEU A 479 2.52 -11.80 3.72
CA LEU A 479 2.50 -10.86 4.84
C LEU A 479 1.81 -11.47 6.05
N ALA A 480 0.63 -12.04 5.85
CA ALA A 480 -0.08 -12.67 6.97
C ALA A 480 0.74 -13.81 7.56
N MET A 481 1.18 -14.73 6.71
CA MET A 481 1.97 -15.87 7.18
C MET A 481 3.23 -15.44 7.92
N ALA A 482 3.76 -14.26 7.59
CA ALA A 482 4.97 -13.79 8.23
C ALA A 482 4.70 -13.00 9.50
N SER A 483 3.50 -12.45 9.65
CA SER A 483 3.15 -11.76 10.88
C SER A 483 2.30 -12.60 11.82
N ALA A 484 1.90 -13.80 11.42
CA ALA A 484 1.19 -14.75 12.27
C ALA A 484 -0.11 -14.14 12.80
N ASN A 485 -0.96 -13.73 11.87
CA ASN A 485 -2.28 -13.23 12.20
C ASN A 485 -3.30 -13.76 11.20
N GLY A 486 -4.48 -14.08 11.72
CA GLY A 486 -5.52 -14.65 10.86
C GLY A 486 -5.86 -13.71 9.72
N LEU A 487 -6.07 -14.27 8.54
CA LEU A 487 -6.33 -13.47 7.35
C LEU A 487 -7.53 -14.05 6.61
N LEU A 488 -8.46 -13.18 6.22
CA LEU A 488 -9.50 -13.51 5.27
C LEU A 488 -9.29 -12.71 3.99
N LEU A 489 -9.82 -13.22 2.89
CA LEU A 489 -9.56 -12.63 1.59
C LEU A 489 -10.86 -12.32 0.88
N LYS A 490 -10.77 -11.47 -0.14
CA LYS A 490 -11.85 -11.29 -1.10
C LYS A 490 -11.27 -10.60 -2.32
N GLY A 491 -11.27 -11.28 -3.46
CA GLY A 491 -10.76 -10.73 -4.69
C GLY A 491 -11.88 -10.45 -5.68
N GLY A 492 -11.53 -9.69 -6.71
CA GLY A 492 -12.49 -9.45 -7.79
C GLY A 492 -12.80 -10.73 -8.53
N LYS A 493 -14.03 -10.83 -9.03
CA LYS A 493 -14.45 -12.03 -9.75
C LYS A 493 -13.66 -12.25 -11.02
N GLU A 494 -12.90 -11.26 -11.48
CA GLU A 494 -12.21 -11.38 -12.76
C GLU A 494 -11.15 -12.47 -12.70
N ALA A 495 -10.21 -12.37 -11.78
CA ALA A 495 -9.15 -13.36 -11.62
C ALA A 495 -9.57 -14.54 -10.77
N ALA A 496 -10.88 -14.75 -10.59
CA ALA A 496 -11.40 -15.78 -9.70
C ALA A 496 -10.62 -17.09 -9.81
N HIS A 497 -10.47 -17.61 -11.03
CA HIS A 497 -9.76 -18.87 -11.22
C HIS A 497 -8.30 -18.73 -10.83
N SER A 498 -7.68 -17.61 -11.20
CA SER A 498 -6.29 -17.37 -10.81
C SER A 498 -6.17 -17.27 -9.29
N ASN A 499 -7.15 -16.64 -8.65
CA ASN A 499 -7.16 -16.58 -7.19
C ASN A 499 -7.22 -17.97 -6.60
N LYS A 500 -8.11 -18.82 -7.12
CA LYS A 500 -8.23 -20.17 -6.60
C LYS A 500 -6.95 -20.95 -6.81
N ALA A 501 -6.29 -20.77 -7.96
CA ALA A 501 -5.03 -21.45 -8.21
C ALA A 501 -3.96 -20.99 -7.23
N LEU A 502 -3.84 -19.69 -7.03
CA LEU A 502 -2.84 -19.19 -6.10
C LEU A 502 -3.12 -19.66 -4.68
N MET A 503 -4.40 -19.81 -4.33
CA MET A 503 -4.72 -20.34 -3.01
C MET A 503 -4.37 -21.81 -2.92
N GLU A 504 -4.54 -22.56 -4.00
CA GLU A 504 -4.03 -23.92 -4.03
C GLU A 504 -2.53 -23.93 -3.79
N LEU A 505 -1.81 -22.99 -4.40
CA LEU A 505 -0.38 -22.86 -4.17
C LEU A 505 -0.07 -22.64 -2.69
N VAL A 506 -0.68 -21.61 -2.10
CA VAL A 506 -0.35 -21.24 -0.73
C VAL A 506 -0.75 -22.34 0.24
N LYS A 507 -1.78 -23.11 -0.09
CA LYS A 507 -2.19 -24.18 0.81
C LYS A 507 -1.34 -25.42 0.65
N GLU A 508 -0.90 -25.73 -0.58
CA GLU A 508 0.11 -26.76 -0.74
C GLU A 508 1.39 -26.38 -0.01
N ALA A 509 1.67 -25.08 0.10
CA ALA A 509 2.78 -24.63 0.93
C ALA A 509 2.50 -24.87 2.41
N LEU A 510 1.33 -24.43 2.88
CA LEU A 510 0.92 -24.65 4.25
C LEU A 510 0.93 -26.12 4.63
N ALA A 511 0.84 -27.02 3.63
CA ALA A 511 0.85 -28.45 3.90
C ALA A 511 2.05 -28.88 4.74
N THR A 512 3.13 -28.08 4.75
CA THR A 512 4.31 -28.42 5.54
C THR A 512 4.15 -28.01 6.99
N VAL A 513 3.21 -27.12 7.31
CA VAL A 513 3.00 -26.67 8.67
C VAL A 513 1.69 -27.16 9.26
N GLY A 514 0.74 -27.60 8.44
CA GLY A 514 -0.51 -28.13 8.94
C GLY A 514 -1.57 -27.10 9.22
N ALA A 515 -1.17 -25.87 9.55
CA ALA A 515 -2.11 -24.81 9.85
C ALA A 515 -2.72 -24.33 8.53
N GLU A 516 -3.76 -25.05 8.11
CA GLU A 516 -4.40 -24.82 6.82
C GLU A 516 -5.61 -23.91 6.91
N HIS A 517 -5.61 -22.96 7.84
CA HIS A 517 -6.77 -22.11 8.04
C HIS A 517 -6.47 -20.62 8.09
N ALA A 518 -5.24 -20.22 8.41
CA ALA A 518 -4.94 -18.80 8.59
C ALA A 518 -5.19 -17.98 7.34
N VAL A 519 -5.32 -18.63 6.18
CA VAL A 519 -5.63 -17.95 4.93
C VAL A 519 -6.82 -18.65 4.30
N SER A 520 -7.71 -17.86 3.70
CA SER A 520 -8.95 -18.41 3.17
C SER A 520 -9.45 -17.55 2.01
N LEU A 521 -10.53 -18.01 1.40
CA LEU A 521 -11.27 -17.25 0.40
C LEU A 521 -12.71 -17.07 0.85
N VAL A 522 -13.44 -16.26 0.10
CA VAL A 522 -14.85 -16.00 0.36
C VAL A 522 -15.59 -15.93 -0.98
N SER A 523 -16.91 -15.91 -0.89
CA SER A 523 -17.81 -15.82 -2.03
C SER A 523 -18.10 -14.35 -2.33
N THR A 524 -19.16 -14.09 -3.09
CA THR A 524 -19.54 -12.74 -3.46
C THR A 524 -19.81 -11.87 -2.24
N ARG A 525 -20.04 -10.58 -2.51
CA ARG A 525 -20.05 -9.54 -1.48
C ARG A 525 -21.14 -9.74 -0.44
N GLU A 526 -22.13 -10.61 -0.69
CA GLU A 526 -23.13 -10.88 0.34
C GLU A 526 -22.49 -11.51 1.57
N GLU A 527 -21.62 -12.49 1.35
CA GLU A 527 -20.86 -13.07 2.44
C GLU A 527 -20.01 -12.01 3.12
N ILE A 528 -19.43 -11.09 2.34
CA ILE A 528 -18.64 -10.01 2.92
C ILE A 528 -19.49 -9.18 3.88
N SER A 529 -20.72 -8.88 3.47
CA SER A 529 -21.61 -8.10 4.32
C SER A 529 -21.93 -8.85 5.60
N ASP A 530 -22.40 -10.09 5.48
CA ASP A 530 -22.77 -10.84 6.67
C ASP A 530 -21.56 -11.13 7.56
N LEU A 531 -20.36 -11.13 7.01
CA LEU A 531 -19.16 -11.33 7.80
C LEU A 531 -18.76 -10.07 8.55
N LEU A 532 -18.79 -8.92 7.85
CA LEU A 532 -18.55 -7.65 8.53
C LEU A 532 -19.60 -7.40 9.60
N SER A 533 -20.78 -8.00 9.46
CA SER A 533 -21.80 -7.87 10.50
C SER A 533 -21.37 -8.59 11.78
N MET A 534 -20.93 -9.85 11.64
CA MET A 534 -20.54 -10.67 12.79
C MET A 534 -19.20 -10.17 13.30
N GLU A 535 -19.24 -9.10 14.07
CA GLU A 535 -18.03 -8.50 14.60
C GLU A 535 -17.50 -9.35 15.75
N ASN A 536 -16.53 -8.80 16.48
CA ASN A 536 -15.88 -9.42 17.65
C ASN A 536 -15.09 -10.65 17.21
N HIS A 537 -14.77 -10.77 15.92
CA HIS A 537 -13.85 -11.78 15.45
C HIS A 537 -12.89 -11.23 14.41
N ILE A 538 -13.01 -9.95 14.05
CA ILE A 538 -12.15 -9.31 13.06
C ILE A 538 -11.53 -8.08 13.70
N ASP A 539 -10.45 -7.61 13.10
CA ASP A 539 -9.63 -6.59 13.70
C ASP A 539 -9.38 -5.39 12.80
N LEU A 540 -9.24 -5.61 11.51
CA LEU A 540 -9.00 -4.54 10.55
C LEU A 540 -9.74 -4.85 9.27
N ILE A 541 -9.84 -3.84 8.42
CA ILE A 541 -10.33 -4.02 7.05
C ILE A 541 -9.41 -3.21 6.14
N ILE A 542 -8.87 -3.86 5.12
CA ILE A 542 -7.92 -3.19 4.25
C ILE A 542 -8.46 -3.17 2.83
N PRO A 543 -9.47 -2.39 2.52
CA PRO A 543 -9.99 -2.35 1.15
C PRO A 543 -9.02 -1.62 0.23
N ARG A 544 -8.32 -2.38 -0.61
CA ARG A 544 -7.28 -1.79 -1.45
C ARG A 544 -7.92 -1.13 -2.67
N GLY A 545 -8.56 0.01 -2.40
CA GLY A 545 -9.01 0.92 -3.44
C GLY A 545 -10.48 0.82 -3.73
N SER A 546 -11.28 1.68 -3.11
CA SER A 546 -12.72 1.71 -3.33
C SER A 546 -13.32 2.96 -2.69
N SER A 547 -13.86 3.90 -3.47
CA SER A 547 -14.43 5.08 -2.84
C SER A 547 -15.79 4.78 -2.25
N ASP A 548 -16.75 4.43 -3.11
CA ASP A 548 -18.08 4.07 -2.64
C ASP A 548 -18.03 2.91 -1.65
N LEU A 549 -17.07 2.00 -1.83
CA LEU A 549 -17.01 0.87 -0.93
C LEU A 549 -16.29 1.22 0.38
N VAL A 550 -15.37 2.18 0.36
CA VAL A 550 -14.93 2.77 1.63
C VAL A 550 -16.12 3.31 2.40
N ARG A 551 -16.97 4.08 1.71
CA ARG A 551 -18.16 4.61 2.38
C ARG A 551 -19.04 3.49 2.91
N SER A 552 -19.25 2.44 2.11
CA SER A 552 -20.13 1.35 2.50
C SER A 552 -19.58 0.60 3.70
N ILE A 553 -18.28 0.30 3.69
CA ILE A 553 -17.65 -0.35 4.83
C ILE A 553 -17.79 0.53 6.07
N GLN A 554 -17.61 1.83 5.90
CA GLN A 554 -17.81 2.76 7.01
C GLN A 554 -19.21 2.62 7.59
N GLN A 555 -20.23 2.62 6.72
CA GLN A 555 -21.59 2.46 7.20
C GLN A 555 -21.78 1.10 7.86
N GLN A 556 -21.02 0.09 7.43
CA GLN A 556 -21.08 -1.22 8.04
C GLN A 556 -19.98 -1.44 9.08
N SER A 557 -19.16 -0.42 9.34
CA SER A 557 -18.08 -0.55 10.32
C SER A 557 -18.66 -0.40 11.72
N LEU A 558 -19.21 -1.48 12.26
CA LEU A 558 -19.77 -1.49 13.61
C LEU A 558 -18.67 -1.96 14.55
N HIS A 559 -18.06 -1.01 15.26
CA HIS A 559 -16.99 -1.31 16.21
C HIS A 559 -15.84 -2.04 15.53
N ILE A 560 -15.45 -1.60 14.33
CA ILE A 560 -14.34 -2.20 13.61
C ILE A 560 -13.63 -1.10 12.83
N PRO A 561 -12.31 -0.98 12.94
CA PRO A 561 -11.59 0.10 12.26
C PRO A 561 -11.53 -0.10 10.75
N VAL A 562 -11.04 0.92 10.04
CA VAL A 562 -10.91 0.89 8.60
C VAL A 562 -9.64 1.62 8.23
N LEU A 563 -8.91 1.07 7.27
CA LEU A 563 -7.75 1.76 6.72
C LEU A 563 -7.45 1.20 5.35
N GLY A 564 -7.08 2.10 4.44
CA GLY A 564 -6.79 1.71 3.07
C GLY A 564 -6.40 2.92 2.24
N HIS A 565 -6.97 3.06 1.05
CA HIS A 565 -6.81 4.28 0.28
C HIS A 565 -7.99 4.41 -0.67
N ALA A 566 -8.71 5.52 -0.57
CA ALA A 566 -9.88 5.75 -1.41
C ALA A 566 -9.56 6.64 -2.60
N GLU A 567 -8.43 7.33 -2.59
CA GLU A 567 -8.11 8.26 -3.65
C GLU A 567 -6.60 8.31 -3.83
N GLY A 568 -6.18 8.62 -5.05
CA GLY A 568 -4.77 8.62 -5.36
C GLY A 568 -4.28 9.71 -6.30
N VAL A 569 -4.90 10.88 -6.29
CA VAL A 569 -4.50 11.90 -7.24
C VAL A 569 -3.08 12.34 -6.92
N CYS A 570 -2.13 11.96 -7.77
CA CYS A 570 -0.74 12.34 -7.57
C CYS A 570 -0.55 13.75 -8.11
N HIS A 571 0.70 14.20 -8.20
CA HIS A 571 1.00 15.49 -8.79
C HIS A 571 2.47 15.55 -9.12
N VAL A 572 2.82 16.46 -10.04
CA VAL A 572 4.19 16.66 -10.48
C VAL A 572 4.42 18.15 -10.53
N TYR A 573 5.68 18.55 -10.68
CA TYR A 573 6.01 19.96 -10.78
C TYR A 573 7.34 20.10 -11.50
N ILE A 574 7.51 21.22 -12.19
CA ILE A 574 8.76 21.58 -12.85
C ILE A 574 9.00 23.05 -12.56
N ASP A 575 10.25 23.49 -12.75
CA ASP A 575 10.58 24.88 -12.49
C ASP A 575 11.70 25.32 -13.41
N ARG A 576 12.15 26.55 -13.20
CA ARG A 576 13.12 27.23 -14.04
C ARG A 576 14.53 26.69 -13.90
N ASP A 577 14.74 25.66 -13.09
CA ASP A 577 16.06 25.13 -12.83
C ASP A 577 16.04 23.61 -12.94
N ALA A 578 15.47 23.10 -14.03
CA ALA A 578 15.37 21.67 -14.24
C ALA A 578 15.63 21.35 -15.70
N ASP A 579 16.37 20.27 -15.94
CA ASP A 579 16.68 19.82 -17.30
C ASP A 579 15.38 19.42 -17.99
N LEU A 580 15.12 20.02 -19.14
CA LEU A 580 13.95 19.69 -19.95
C LEU A 580 13.88 18.19 -20.22
N GLU A 581 15.03 17.57 -20.47
CA GLU A 581 15.06 16.15 -20.82
C GLU A 581 14.60 15.30 -19.64
N LYS A 582 15.11 15.60 -18.44
CA LYS A 582 14.66 14.89 -17.26
C LYS A 582 13.16 15.04 -17.08
N ALA A 583 12.65 16.25 -17.28
CA ALA A 583 11.21 16.49 -17.16
C ALA A 583 10.42 15.60 -18.13
N LEU A 584 10.86 15.59 -19.39
CA LEU A 584 10.17 14.78 -20.40
C LEU A 584 10.16 13.32 -20.00
N ARG A 585 11.33 12.76 -19.68
CA ARG A 585 11.39 11.34 -19.42
C ARG A 585 10.70 10.98 -18.11
N ILE A 586 10.65 11.90 -17.15
CA ILE A 586 9.91 11.63 -15.92
C ILE A 586 8.41 11.63 -16.19
N ALA A 587 7.93 12.57 -17.01
CA ALA A 587 6.54 12.52 -17.42
C ALA A 587 6.23 11.19 -18.10
N ARG A 588 7.13 10.75 -18.98
CA ARG A 588 6.94 9.50 -19.69
C ARG A 588 6.85 8.32 -18.72
N ASP A 589 7.84 8.19 -17.82
CA ASP A 589 7.84 7.09 -16.87
C ASP A 589 6.63 7.15 -15.94
N ALA A 590 6.20 8.36 -15.60
CA ALA A 590 5.13 8.51 -14.62
C ALA A 590 3.79 8.11 -15.19
N LYS A 591 3.50 8.53 -16.42
CA LYS A 591 2.19 8.29 -17.00
C LYS A 591 2.18 7.14 -18.00
N CYS A 592 3.30 6.42 -18.15
CA CYS A 592 3.34 5.38 -19.16
C CYS A 592 4.01 4.09 -18.66
N ASP A 593 3.74 3.69 -17.43
CA ASP A 593 4.09 2.34 -16.98
C ASP A 593 2.85 1.53 -16.63
N TYR A 594 2.06 1.98 -15.67
CA TYR A 594 0.73 1.43 -15.39
C TYR A 594 -0.24 2.59 -15.45
N PRO A 595 -0.82 2.84 -16.61
CA PRO A 595 -1.70 4.00 -16.79
C PRO A 595 -2.63 4.31 -15.63
N ALA A 596 -3.23 3.29 -15.02
CA ALA A 596 -4.24 3.53 -14.00
C ALA A 596 -4.15 2.54 -12.85
N ALA A 597 -2.94 2.30 -12.33
CA ALA A 597 -2.90 1.30 -11.26
C ALA A 597 -3.27 1.88 -9.91
N CYS A 598 -2.38 2.65 -9.29
CA CYS A 598 -2.77 3.40 -8.09
C CYS A 598 -2.12 4.78 -8.04
N ASN A 599 -0.91 4.89 -8.54
CA ASN A 599 -0.04 6.01 -8.24
C ASN A 599 0.42 6.75 -9.49
N ALA A 600 -0.26 6.53 -10.62
CA ALA A 600 0.06 7.27 -11.83
C ALA A 600 -0.40 8.70 -11.68
N MET A 601 0.52 9.65 -11.93
CA MET A 601 0.16 11.06 -11.85
C MET A 601 -0.91 11.38 -12.89
N GLU A 602 -1.74 12.37 -12.57
CA GLU A 602 -2.71 12.87 -13.52
C GLU A 602 -2.77 14.38 -13.44
N THR A 603 -1.62 15.01 -13.23
CA THR A 603 -1.57 16.47 -13.21
C THR A 603 -0.13 16.90 -13.41
N LEU A 604 0.05 17.95 -14.20
CA LEU A 604 1.35 18.54 -14.39
C LEU A 604 1.27 19.99 -13.95
N LEU A 605 2.42 20.54 -13.54
CA LEU A 605 2.48 21.92 -13.11
C LEU A 605 3.78 22.52 -13.60
N ILE A 606 3.70 23.74 -14.14
CA ILE A 606 4.85 24.38 -14.76
C ILE A 606 5.01 25.79 -14.20
N HIS A 607 6.27 26.21 -14.09
CA HIS A 607 6.61 27.57 -13.75
C HIS A 607 6.35 28.44 -14.98
N GLU A 608 5.55 29.51 -14.79
CA GLU A 608 5.08 30.29 -15.92
C GLU A 608 6.22 30.84 -16.76
N ASP A 609 7.39 31.02 -16.17
CA ASP A 609 8.53 31.49 -16.95
C ASP A 609 9.16 30.40 -17.80
N LEU A 610 8.54 29.22 -17.87
CA LEU A 610 8.96 28.17 -18.78
C LEU A 610 7.94 27.88 -19.87
N MET A 611 6.79 28.54 -19.86
CA MET A 611 5.86 28.42 -20.98
C MET A 611 6.43 29.05 -22.24
N SER A 612 7.23 30.11 -22.09
CA SER A 612 7.86 30.73 -23.24
C SER A 612 8.98 29.87 -23.81
N GLY A 613 9.58 29.01 -22.98
CA GLY A 613 10.67 28.16 -23.41
C GLY A 613 10.25 27.02 -24.33
N ALA A 614 9.01 27.00 -24.78
CA ALA A 614 8.44 26.04 -25.74
C ALA A 614 8.47 24.61 -25.21
N ILE A 615 8.79 24.40 -23.93
CA ILE A 615 8.82 23.04 -23.39
C ILE A 615 7.43 22.44 -23.41
N PHE A 616 6.40 23.27 -23.27
CA PHE A 616 5.03 22.81 -23.43
C PHE A 616 4.83 22.11 -24.76
N GLY A 617 5.49 22.60 -25.81
CA GLY A 617 5.43 21.97 -27.11
C GLY A 617 5.89 20.54 -27.08
N ASP A 618 7.12 20.31 -26.62
CA ASP A 618 7.64 18.94 -26.55
C ASP A 618 6.82 18.09 -25.59
N VAL A 619 6.27 18.69 -24.54
CA VAL A 619 5.43 17.95 -23.61
C VAL A 619 4.23 17.37 -24.34
N CYS A 620 3.47 18.22 -25.02
CA CYS A 620 2.35 17.71 -25.80
C CYS A 620 2.82 16.79 -26.91
N ASN A 621 4.02 17.02 -27.44
CA ASN A 621 4.55 16.15 -28.48
C ASN A 621 4.66 14.72 -27.99
N MET A 622 5.29 14.52 -26.84
CA MET A 622 5.41 13.17 -26.29
C MET A 622 4.07 12.64 -25.81
N LEU A 623 3.26 13.51 -25.21
CA LEU A 623 1.93 13.10 -24.76
C LEU A 623 1.10 12.54 -25.91
N LYS A 624 1.31 13.08 -27.12
CA LYS A 624 0.59 12.58 -28.28
C LYS A 624 1.30 11.39 -28.91
N ARG A 625 2.64 11.35 -28.86
CA ARG A 625 3.37 10.17 -29.25
C ARG A 625 2.93 8.95 -28.46
N GLU A 626 2.41 9.15 -27.25
CA GLU A 626 1.76 8.08 -26.52
C GLU A 626 0.24 8.19 -26.58
N GLY A 627 -0.29 9.17 -27.30
CA GLY A 627 -1.72 9.30 -27.47
C GLY A 627 -2.48 9.58 -26.19
N VAL A 628 -2.27 10.77 -25.63
CA VAL A 628 -2.94 11.19 -24.39
C VAL A 628 -3.60 12.53 -24.64
N LYS A 629 -4.89 12.62 -24.31
CA LYS A 629 -5.68 13.83 -24.54
C LYS A 629 -5.53 14.76 -23.35
N ILE A 630 -4.59 15.69 -23.44
CA ILE A 630 -4.32 16.59 -22.33
C ILE A 630 -5.48 17.57 -22.20
N TYR A 631 -5.73 18.01 -20.97
CA TYR A 631 -6.69 19.06 -20.70
C TYR A 631 -5.95 20.26 -20.11
N ALA A 632 -6.70 21.26 -19.68
CA ALA A 632 -6.14 22.39 -18.97
C ALA A 632 -7.26 23.06 -18.18
N GLY A 633 -6.85 23.87 -17.21
CA GLY A 633 -7.80 24.59 -16.40
C GLY A 633 -7.57 26.07 -16.47
N PRO A 634 -8.16 26.81 -15.53
CA PRO A 634 -8.30 28.27 -15.67
C PRO A 634 -7.07 29.00 -16.18
N ARG A 635 -5.94 28.86 -15.49
CA ARG A 635 -4.80 29.72 -15.80
C ARG A 635 -4.26 29.46 -17.19
N LEU A 636 -4.02 28.19 -17.53
CA LEU A 636 -3.54 27.89 -18.87
C LEU A 636 -4.61 28.16 -19.91
N ASN A 637 -5.84 27.69 -19.66
CA ASN A 637 -6.92 27.88 -20.61
C ASN A 637 -7.15 29.34 -20.94
N GLN A 638 -6.72 30.24 -20.05
CA GLN A 638 -6.68 31.65 -20.43
C GLN A 638 -5.37 31.98 -21.13
N GLN A 639 -4.28 31.35 -20.73
CA GLN A 639 -2.96 31.75 -21.21
C GLN A 639 -2.82 31.64 -22.73
N LEU A 640 -3.38 30.59 -23.33
CA LEU A 640 -3.09 30.26 -24.71
C LEU A 640 -4.05 30.99 -25.66
N THR A 641 -3.76 30.86 -26.96
CA THR A 641 -4.59 31.49 -27.99
C THR A 641 -6.02 31.00 -27.87
N PHE A 642 -6.24 29.71 -28.09
CA PHE A 642 -7.50 29.09 -27.74
C PHE A 642 -7.35 27.72 -27.09
N GLY A 643 -6.17 27.11 -27.13
CA GLY A 643 -5.78 26.07 -26.21
C GLY A 643 -6.54 24.76 -26.31
N PRO A 644 -6.04 23.74 -25.62
CA PRO A 644 -6.77 22.48 -25.51
C PRO A 644 -8.05 22.68 -24.75
N PRO A 645 -8.98 21.70 -24.79
CA PRO A 645 -10.30 21.93 -24.19
C PRO A 645 -10.25 22.11 -22.69
N ALA A 646 -11.38 22.50 -22.11
CA ALA A 646 -11.45 22.88 -20.71
C ALA A 646 -11.61 21.65 -19.81
N ALA A 647 -11.35 21.86 -18.53
CA ALA A 647 -11.49 20.83 -17.52
C ALA A 647 -12.77 21.06 -16.71
N LYS A 648 -13.05 20.16 -15.78
CA LYS A 648 -14.19 20.28 -14.89
C LYS A 648 -13.78 20.48 -13.44
N SER A 649 -12.96 19.58 -12.90
CA SER A 649 -12.52 19.68 -11.51
C SER A 649 -11.11 19.13 -11.42
N LEU A 650 -10.20 19.93 -10.88
CA LEU A 650 -8.80 19.53 -10.80
C LEU A 650 -8.60 18.30 -9.92
N LYS A 651 -9.64 17.77 -9.29
CA LYS A 651 -9.51 16.61 -8.44
C LYS A 651 -9.89 15.31 -9.11
N HIS A 652 -10.83 15.34 -10.05
CA HIS A 652 -11.40 14.12 -10.62
C HIS A 652 -10.32 13.20 -11.17
N GLU A 653 -10.25 11.99 -10.60
CA GLU A 653 -9.33 10.97 -11.09
C GLU A 653 -9.89 10.34 -12.35
N TYR A 654 -9.06 10.28 -13.39
CA TYR A 654 -9.51 9.76 -14.68
C TYR A 654 -9.19 8.29 -14.88
N GLY A 655 -8.02 7.84 -14.42
CA GLY A 655 -7.69 6.43 -14.49
C GLY A 655 -7.58 5.88 -15.89
N ALA A 656 -6.92 6.62 -16.78
CA ALA A 656 -6.64 6.17 -18.15
C ALA A 656 -5.60 7.12 -18.72
N LEU A 657 -5.35 7.00 -20.02
CA LEU A 657 -4.35 7.84 -20.68
C LEU A 657 -4.91 9.25 -20.89
N GLU A 658 -5.09 9.94 -19.77
CA GLU A 658 -5.46 11.36 -19.81
C GLU A 658 -4.49 12.15 -18.94
N CYS A 659 -4.76 13.43 -18.74
CA CYS A 659 -3.86 14.28 -17.98
C CYS A 659 -4.56 15.61 -17.75
N CYS A 660 -3.87 16.50 -17.04
CA CYS A 660 -4.26 17.88 -16.87
C CYS A 660 -2.99 18.69 -16.70
N ILE A 661 -2.99 19.89 -17.26
CA ILE A 661 -1.83 20.77 -17.13
C ILE A 661 -2.32 22.14 -16.69
N GLU A 662 -1.69 22.66 -15.64
CA GLU A 662 -1.90 24.04 -15.22
C GLU A 662 -0.55 24.70 -15.05
N VAL A 663 -0.56 26.02 -15.07
CA VAL A 663 0.65 26.80 -14.85
C VAL A 663 0.52 27.52 -13.53
N VAL A 664 1.63 27.58 -12.80
CA VAL A 664 1.62 28.23 -11.48
C VAL A 664 2.59 29.39 -11.49
N PRO A 665 2.19 30.49 -10.86
CA PRO A 665 3.04 31.68 -10.85
C PRO A 665 4.29 31.52 -10.00
N SER A 666 4.18 30.86 -8.85
CA SER A 666 5.33 30.71 -7.97
C SER A 666 5.15 29.47 -7.10
N LEU A 667 6.27 29.00 -6.54
CA LEU A 667 6.27 27.79 -5.73
C LEU A 667 5.20 27.85 -4.65
N ASP A 668 4.97 29.04 -4.09
CA ASP A 668 3.95 29.21 -3.06
C ASP A 668 2.62 28.75 -3.61
N GLU A 669 2.30 29.17 -4.84
CA GLU A 669 1.05 28.73 -5.45
C GLU A 669 1.07 27.24 -5.70
N ALA A 670 2.24 26.68 -6.00
CA ALA A 670 2.33 25.24 -6.20
C ALA A 670 1.95 24.49 -4.93
N ILE A 671 2.50 24.90 -3.78
CA ILE A 671 2.18 24.25 -2.53
C ILE A 671 0.71 24.42 -2.21
N ASN A 672 0.19 25.63 -2.39
CA ASN A 672 -1.24 25.85 -2.14
C ASN A 672 -2.07 24.91 -2.99
N HIS A 673 -1.73 24.80 -4.27
CA HIS A 673 -2.49 23.97 -5.20
C HIS A 673 -2.43 22.50 -4.79
N ILE A 674 -1.26 22.03 -4.39
CA ILE A 674 -1.10 20.64 -4.00
C ILE A 674 -1.93 20.35 -2.74
N HIS A 675 -1.72 21.14 -1.70
CA HIS A 675 -2.41 20.90 -0.43
C HIS A 675 -3.91 21.11 -0.55
N THR A 676 -4.38 21.88 -1.53
CA THR A 676 -5.80 22.14 -1.67
C THR A 676 -6.49 21.24 -2.67
N TYR A 677 -5.75 20.60 -3.57
CA TYR A 677 -6.37 19.74 -4.58
C TYR A 677 -5.89 18.31 -4.52
N GLY A 678 -4.65 18.06 -4.12
CA GLY A 678 -4.16 16.71 -4.05
C GLY A 678 -4.85 15.87 -3.00
N SER A 679 -4.43 14.62 -2.85
CA SER A 679 -4.91 13.78 -1.78
C SER A 679 -3.78 13.28 -0.90
N SER A 680 -2.64 13.97 -0.90
CA SER A 680 -1.47 13.58 -0.13
C SER A 680 -1.10 12.13 -0.37
N HIS A 681 -1.10 11.74 -1.64
CA HIS A 681 -0.74 10.37 -2.00
C HIS A 681 0.73 10.26 -2.37
N THR A 682 1.16 10.95 -3.42
CA THR A 682 2.56 10.94 -3.82
C THR A 682 2.81 12.13 -4.73
N ASP A 683 3.74 12.99 -4.33
CA ASP A 683 4.00 14.24 -5.03
C ASP A 683 5.46 14.30 -5.43
N VAL A 684 5.73 14.93 -6.57
CA VAL A 684 7.08 14.94 -7.13
C VAL A 684 7.51 16.38 -7.35
N ILE A 685 8.76 16.55 -7.75
CA ILE A 685 9.30 17.83 -8.18
C ILE A 685 10.44 17.53 -9.14
N VAL A 686 10.91 18.56 -9.84
CA VAL A 686 12.16 18.46 -10.57
C VAL A 686 12.82 19.83 -10.64
N THR A 687 14.07 19.92 -10.20
CA THR A 687 14.79 21.18 -10.07
C THR A 687 16.24 20.84 -9.78
N GLU A 688 17.13 21.79 -10.04
CA GLU A 688 18.53 21.65 -9.65
C GLU A 688 18.91 22.44 -8.40
N ASN A 689 18.19 23.50 -8.07
CA ASN A 689 18.49 24.30 -6.88
C ASN A 689 18.06 23.55 -5.64
N ASP A 690 19.04 23.10 -4.86
CA ASP A 690 18.72 22.29 -3.68
C ASP A 690 17.92 23.08 -2.65
N ALA A 691 17.99 24.41 -2.69
CA ALA A 691 17.19 25.21 -1.76
C ALA A 691 15.71 24.99 -2.00
N ALA A 692 15.26 25.19 -3.24
CA ALA A 692 13.88 24.90 -3.58
C ALA A 692 13.54 23.45 -3.33
N ALA A 693 14.51 22.55 -3.50
CA ALA A 693 14.27 21.13 -3.29
C ALA A 693 13.84 20.86 -1.86
N ARG A 694 14.72 21.14 -0.90
CA ARG A 694 14.39 20.89 0.50
C ARG A 694 13.20 21.72 0.95
N GLN A 695 13.06 22.93 0.37
CA GLN A 695 11.87 23.74 0.65
C GLN A 695 10.60 22.96 0.32
N PHE A 696 10.52 22.40 -0.88
CA PHE A 696 9.33 21.67 -1.29
C PHE A 696 9.17 20.40 -0.49
N LEU A 697 10.28 19.73 -0.18
CA LEU A 697 10.21 18.49 0.58
C LEU A 697 9.59 18.73 1.95
N GLY A 698 10.18 19.65 2.73
CA GLY A 698 9.63 19.97 4.03
C GLY A 698 8.26 20.60 3.98
N SER A 699 7.93 21.32 2.91
CA SER A 699 6.69 22.07 2.86
C SER A 699 5.50 21.14 2.66
N VAL A 700 5.49 20.37 1.56
CA VAL A 700 4.36 19.53 1.23
C VAL A 700 4.19 18.44 2.29
N ASP A 701 3.00 17.84 2.32
CA ASP A 701 2.61 16.91 3.37
C ASP A 701 2.34 15.50 2.90
N SER A 702 2.42 15.23 1.60
CA SER A 702 1.96 13.99 1.01
C SER A 702 2.57 12.75 1.64
N ALA A 703 1.92 11.59 1.44
CA ALA A 703 2.46 10.33 1.94
C ALA A 703 3.81 10.01 1.33
N CYS A 704 4.12 10.59 0.19
CA CYS A 704 5.43 10.42 -0.44
C CYS A 704 5.83 11.75 -1.05
N VAL A 705 7.12 12.03 -1.04
CA VAL A 705 7.66 13.20 -1.71
C VAL A 705 8.90 12.76 -2.47
N PHE A 706 9.12 13.34 -3.64
CA PHE A 706 10.19 12.88 -4.50
C PHE A 706 10.85 14.05 -5.21
N HIS A 707 12.17 14.05 -5.20
CA HIS A 707 12.97 15.02 -5.91
C HIS A 707 13.72 14.33 -7.04
N ASN A 708 13.40 14.71 -8.27
CA ASN A 708 14.04 14.14 -9.47
C ASN A 708 13.86 12.64 -9.52
N ALA A 709 12.62 12.19 -9.50
CA ALA A 709 12.31 10.77 -9.58
C ALA A 709 10.93 10.63 -10.22
N SER A 710 10.39 9.42 -10.15
CA SER A 710 9.16 9.08 -10.85
C SER A 710 8.02 8.87 -9.86
N SER A 711 6.82 9.23 -10.30
CA SER A 711 5.61 8.94 -9.55
C SER A 711 5.27 7.47 -9.51
N ARG A 712 6.15 6.63 -10.02
CA ARG A 712 5.91 5.21 -10.16
C ARG A 712 6.56 4.39 -9.06
N PHE A 713 7.42 5.00 -8.26
CA PHE A 713 8.22 4.23 -7.31
C PHE A 713 7.48 3.87 -6.03
N ALA A 714 6.15 3.94 -6.02
CA ALA A 714 5.39 3.71 -4.80
C ALA A 714 4.55 2.45 -4.94
N ASP A 715 5.16 1.30 -4.70
CA ASP A 715 4.41 0.07 -4.47
C ASP A 715 5.08 -0.80 -3.42
N GLY A 716 5.78 -0.20 -2.46
CA GLY A 716 6.40 -0.97 -1.42
C GLY A 716 7.61 -1.75 -1.90
N PHE A 717 7.42 -2.57 -2.94
CA PHE A 717 8.50 -3.43 -3.41
C PHE A 717 9.72 -2.60 -3.79
N ARG A 718 9.53 -1.54 -4.57
CA ARG A 718 10.68 -0.74 -4.95
C ARG A 718 11.19 0.13 -3.82
N PHE A 719 10.53 0.17 -2.67
CA PHE A 719 11.08 0.80 -1.48
C PHE A 719 11.91 -0.15 -0.63
N GLY A 720 12.31 -1.30 -1.16
CA GLY A 720 13.02 -2.27 -0.37
C GLY A 720 12.25 -2.80 0.82
N LEU A 721 11.01 -2.36 1.02
CA LEU A 721 10.17 -2.84 2.11
C LEU A 721 9.71 -4.27 1.89
N GLY A 722 9.98 -4.85 0.74
CA GLY A 722 9.46 -6.17 0.44
C GLY A 722 8.01 -6.08 0.01
N ALA A 723 7.32 -7.21 0.12
CA ALA A 723 5.92 -7.26 -0.27
C ALA A 723 5.07 -6.44 0.67
N GLU A 724 4.00 -5.88 0.14
CA GLU A 724 3.18 -4.96 0.90
C GLU A 724 1.71 -5.23 0.59
N VAL A 725 0.82 -4.46 1.21
CA VAL A 725 -0.62 -4.66 1.08
C VAL A 725 -1.28 -3.53 0.30
N GLY A 726 -0.82 -2.30 0.49
CA GLY A 726 -1.38 -1.18 -0.21
C GLY A 726 -0.64 0.09 0.15
N ILE A 727 -1.28 1.22 -0.08
CA ILE A 727 -0.76 2.49 0.37
C ILE A 727 -1.80 3.14 1.27
N SER A 728 -1.33 3.83 2.30
CA SER A 728 -2.20 4.46 3.28
C SER A 728 -2.20 5.96 3.05
N THR A 729 -3.39 6.53 2.89
CA THR A 729 -3.50 7.98 2.83
C THR A 729 -3.78 8.57 4.20
N ALA A 730 -4.32 7.78 5.12
CA ALA A 730 -4.79 8.29 6.39
C ALA A 730 -3.62 8.77 7.25
N ARG A 731 -3.93 9.24 8.45
CA ARG A 731 -2.95 9.85 9.32
C ARG A 731 -2.56 8.96 10.50
N ILE A 732 -3.01 7.71 10.52
CA ILE A 732 -2.82 6.85 11.67
C ILE A 732 -2.27 5.50 11.25
N HIS A 733 -1.36 4.97 12.07
CA HIS A 733 -0.91 3.58 12.05
C HIS A 733 0.06 3.27 10.92
N ALA A 734 0.20 4.18 9.95
CA ALA A 734 1.10 3.96 8.83
C ALA A 734 1.13 5.16 7.91
N ARG A 735 2.10 5.21 7.00
CA ARG A 735 2.19 6.29 6.03
C ARG A 735 2.80 5.71 4.76
N GLY A 736 1.99 5.58 3.72
CA GLY A 736 2.47 5.08 2.46
C GLY A 736 2.32 3.59 2.32
N PRO A 737 3.39 2.90 1.90
CA PRO A 737 3.31 1.46 1.70
C PRO A 737 3.24 0.72 3.03
N VAL A 738 2.14 0.02 3.25
CA VAL A 738 1.91 -0.70 4.51
C VAL A 738 2.68 -2.01 4.41
N GLY A 739 3.92 -2.00 4.88
CA GLY A 739 4.74 -3.19 4.93
C GLY A 739 4.31 -4.11 6.06
N VAL A 740 5.27 -4.90 6.55
CA VAL A 740 5.01 -5.77 7.69
C VAL A 740 4.62 -4.94 8.90
N GLU A 741 5.50 -4.02 9.29
CA GLU A 741 5.33 -3.26 10.53
C GLU A 741 3.99 -2.54 10.59
N GLY A 742 3.34 -2.34 9.46
CA GLY A 742 1.99 -1.80 9.49
C GLY A 742 0.93 -2.79 9.88
N LEU A 743 1.32 -4.02 10.22
CA LEU A 743 0.39 -5.07 10.62
C LEU A 743 0.74 -5.62 11.99
N LEU A 744 1.19 -4.73 12.88
CA LEU A 744 1.61 -5.16 14.21
C LEU A 744 1.35 -4.04 15.19
N THR A 745 0.87 -4.42 16.38
CA THR A 745 0.71 -3.48 17.47
C THR A 745 1.60 -3.88 18.63
N THR A 746 1.49 -3.15 19.74
CA THR A 746 2.41 -3.29 20.85
C THR A 746 1.67 -3.77 22.10
N LYS A 747 2.43 -4.29 23.05
CA LYS A 747 1.88 -4.76 24.31
C LYS A 747 2.81 -4.32 25.42
N TRP A 748 2.23 -3.99 26.58
CA TRP A 748 3.01 -3.58 27.74
C TRP A 748 3.00 -4.69 28.78
N ILE A 749 4.03 -5.52 28.76
CA ILE A 749 4.20 -6.53 29.80
C ILE A 749 5.12 -5.94 30.88
N LEU A 750 4.77 -6.20 32.13
CA LEU A 750 5.34 -5.49 33.26
C LEU A 750 5.37 -6.42 34.46
N GLU A 751 6.57 -6.85 34.85
CA GLU A 751 6.74 -7.86 35.88
C GLU A 751 7.60 -7.31 37.00
N GLY A 752 7.20 -7.60 38.23
CA GLY A 752 7.95 -7.15 39.39
C GLY A 752 7.99 -8.21 40.46
N GLN A 753 8.46 -7.81 41.64
CA GLN A 753 8.53 -8.71 42.78
C GLN A 753 7.32 -8.57 43.70
N ASP A 754 7.14 -7.39 44.31
CA ASP A 754 6.07 -7.23 45.29
C ASP A 754 5.46 -5.84 45.28
N HIS A 755 5.64 -5.07 44.21
CA HIS A 755 5.34 -3.65 44.25
C HIS A 755 3.84 -3.41 44.36
N ALA A 756 3.49 -2.13 44.44
CA ALA A 756 2.11 -1.69 44.60
C ALA A 756 2.03 -0.24 44.15
N ALA A 757 0.89 0.39 44.39
CA ALA A 757 0.71 1.78 44.00
C ALA A 757 1.21 2.72 45.08
N ALA A 758 1.02 2.36 46.35
CA ALA A 758 1.37 3.26 47.45
C ALA A 758 2.87 3.36 47.68
N ASP A 759 3.64 2.37 47.26
CA ASP A 759 5.08 2.38 47.46
C ASP A 759 5.77 3.58 46.83
N PHE A 760 5.05 4.36 46.03
CA PHE A 760 5.59 5.58 45.45
C PHE A 760 4.96 6.84 46.03
N ALA A 761 4.12 6.70 47.05
CA ALA A 761 3.42 7.85 47.62
C ALA A 761 4.36 8.61 48.54
N GLU A 762 3.80 9.52 49.34
CA GLU A 762 4.63 10.33 50.24
C GLU A 762 5.38 9.46 51.24
N GLY A 763 4.74 8.41 51.74
CA GLY A 763 5.39 7.49 52.66
C GLY A 763 5.97 6.25 52.02
N GLY A 764 6.08 6.21 50.70
CA GLY A 764 6.57 5.04 50.02
C GLY A 764 8.03 4.76 50.31
N GLY A 765 8.45 3.55 49.92
CA GLY A 765 9.82 3.12 50.12
C GLY A 765 10.64 2.97 48.86
N ARG A 766 10.08 3.22 47.68
CA ARG A 766 10.82 3.13 46.44
C ARG A 766 10.49 4.34 45.59
N THR A 767 11.49 4.86 44.88
CA THR A 767 11.34 6.06 44.09
C THR A 767 11.64 5.75 42.63
N TRP A 768 11.04 6.55 41.74
CA TRP A 768 11.19 6.33 40.31
C TRP A 768 12.65 6.49 39.89
N LEU A 769 13.01 5.80 38.81
CA LEU A 769 14.29 6.00 38.13
C LEU A 769 14.10 6.51 36.72
N HIS A 770 13.26 5.84 35.92
CA HIS A 770 12.93 6.27 34.56
C HIS A 770 14.16 6.36 33.67
N GLU A 771 14.97 5.32 33.70
CA GLU A 771 16.10 5.19 32.80
C GLU A 771 15.83 4.07 31.80
N THR A 772 16.24 4.29 30.56
CA THR A 772 15.98 3.34 29.47
C THR A 772 17.19 2.44 29.34
N LEU A 773 17.10 1.24 29.91
CA LEU A 773 18.16 0.26 29.74
C LEU A 773 18.29 -0.11 28.27
N PRO A 774 19.48 -0.48 27.81
CA PRO A 774 19.63 -0.97 26.43
C PRO A 774 18.85 -2.26 26.23
N LEU A 775 17.95 -2.22 25.25
CA LEU A 775 17.16 -3.40 24.94
C LEU A 775 18.07 -4.56 24.55
N ASP A 776 17.56 -5.78 24.74
CA ASP A 776 18.33 -6.96 24.45
C ASP A 776 18.58 -7.06 22.94
PA NAP B . -13.24 -3.51 -6.00
O1A NAP B . -13.32 -4.52 -7.13
O2A NAP B . -11.89 -3.65 -5.27
O5B NAP B . -14.46 -3.80 -4.95
C5B NAP B . -15.58 -4.51 -5.42
C4B NAP B . -16.66 -3.48 -5.80
O4B NAP B . -18.15 -4.01 -5.44
C3B NAP B . -16.46 -2.40 -5.12
O3B NAP B . -15.64 -1.43 -5.93
C2B NAP B . -17.87 -1.82 -4.82
O2B NAP B . -18.13 -0.74 -5.63
C1B NAP B . -18.84 -2.97 -5.05
N9A NAP B . -19.70 -3.22 -3.85
C8A NAP B . -20.90 -3.04 -3.30
N7A NAP B . -20.90 -3.60 -2.09
C5A NAP B . -19.70 -4.12 -1.87
C6A NAP B . -19.17 -4.81 -0.78
N6A NAP B . -19.58 -5.28 0.55
N1A NAP B . -17.93 -5.25 -0.79
C2A NAP B . -17.15 -5.03 -1.88
N3A NAP B . -17.66 -4.35 -2.95
C4A NAP B . -18.94 -3.90 -2.95
O3 NAP B . -13.40 -2.00 -6.61
PN NAP B . -13.54 -1.68 -8.25
O1N NAP B . -12.32 -2.14 -8.97
O2N NAP B . -14.74 -2.40 -8.79
O5D NAP B . -13.73 -0.01 -8.48
C5D NAP B . -12.55 0.77 -8.60
C4D NAP B . -12.12 1.30 -7.17
O4D NAP B . -10.58 1.16 -7.01
C3D NAP B . -12.39 2.54 -7.10
O3D NAP B . -13.53 2.73 -6.20
C2D NAP B . -11.04 3.33 -6.52
O2D NAP B . -11.23 3.71 -5.11
C1D NAP B . -10.04 2.57 -6.63
N1N NAP B . -9.13 3.08 -7.69
C2N NAP B . -8.28 4.07 -7.40
C3N NAP B . -7.42 4.57 -8.38
C7N NAP B . -6.46 5.70 -8.03
O7N NAP B . -5.63 6.05 -8.80
N7N NAP B . -6.58 6.33 -6.75
C4N NAP B . -7.45 4.04 -9.63
C5N NAP B . -8.30 3.04 -9.91
C6N NAP B . -9.16 2.56 -8.93
P2B NAP B . -18.44 -0.87 -7.24
O1X NAP B . -17.26 -1.48 -7.94
O2X NAP B . -19.65 -1.69 -7.51
O3X NAP B . -18.67 0.51 -7.81
#